data_3RJV
#
_entry.id   3RJV
#
_cell.length_a   81.508
_cell.length_b   81.508
_cell.length_c   83.343
_cell.angle_alpha   90.000
_cell.angle_beta   90.000
_cell.angle_gamma   120.000
#
_symmetry.space_group_name_H-M   'P 31 2 1'
#
loop_
_entity.id
_entity.type
_entity.pdbx_description
1 polymer 'Putative Sel1 repeat protein'
2 non-polymer 1,2-ETHANEDIOL
3 water water
#
_entity_poly.entity_id   1
_entity_poly.type   'polypeptide(L)'
_entity_poly.pdbx_seq_one_letter_code
;GATEPGSQYQQQAEAGDRRAQYYLADTWVSSGDYQKAEYWAQKAAAQGDGDALALLAQLKIRNPQQADYPQARQLAEKAV
EAGSKSGEIVLARVLVNRQAGATDVAHAITLLQDAARDSESDAAVDAQ(MSE)LLGLIYASGVHGPEDDVKASEYFKGSS
SLSRTGYAEYWAG(MSE)(MSE)FQQGEKGFIEPNKQKALHWLNVSCLEGFDTGCEEFDRISKG
;
_entity_poly.pdbx_strand_id   A
#
loop_
_chem_comp.id
_chem_comp.type
_chem_comp.name
_chem_comp.formula
EDO non-polymer 1,2-ETHANEDIOL 'C2 H6 O2'
#
# COMPACT_ATOMS: atom_id res chain seq x y z
N GLU A 4 12.39 -22.85 6.08
CA GLU A 4 12.89 -21.87 5.06
C GLU A 4 11.75 -21.02 4.48
N PRO A 5 11.86 -19.67 4.55
CA PRO A 5 10.80 -18.84 3.93
C PRO A 5 10.70 -19.08 2.42
N GLY A 6 9.47 -19.23 1.93
CA GLY A 6 9.23 -19.42 0.50
C GLY A 6 9.73 -20.74 -0.07
N SER A 7 9.95 -21.76 0.80
CA SER A 7 10.31 -23.12 0.37
CA SER A 7 10.28 -23.12 0.39
C SER A 7 9.35 -23.66 -0.71
N GLN A 8 8.07 -23.35 -0.55
CA GLN A 8 7.06 -23.73 -1.53
C GLN A 8 7.26 -23.19 -2.94
N TYR A 9 7.97 -22.09 -3.09
CA TYR A 9 8.18 -21.51 -4.46
C TYR A 9 9.52 -21.78 -5.09
N GLN A 10 10.44 -22.29 -4.28
CA GLN A 10 11.87 -22.30 -4.64
C GLN A 10 12.19 -23.11 -5.91
N GLN A 11 11.68 -24.34 -6.00
CA GLN A 11 12.01 -25.18 -7.16
C GLN A 11 11.54 -24.60 -8.50
N GLN A 12 10.26 -24.19 -8.54
CA GLN A 12 9.67 -23.57 -9.73
C GLN A 12 10.39 -22.25 -10.09
N ALA A 13 10.73 -21.46 -9.07
CA ALA A 13 11.47 -20.18 -9.27
C ALA A 13 12.83 -20.42 -9.91
N GLU A 14 13.56 -21.39 -9.37
CA GLU A 14 14.84 -21.81 -9.91
C GLU A 14 14.74 -22.40 -11.32
N ALA A 15 13.61 -23.04 -11.62
CA ALA A 15 13.32 -23.55 -12.95
C ALA A 15 12.98 -22.46 -13.95
N GLY A 16 12.76 -21.22 -13.49
CA GLY A 16 12.47 -20.08 -14.36
C GLY A 16 11.00 -19.69 -14.44
N ASP A 17 10.16 -20.23 -13.55
CA ASP A 17 8.73 -19.94 -13.58
C ASP A 17 8.51 -18.52 -13.08
N ARG A 18 8.06 -17.65 -13.96
CA ARG A 18 7.87 -16.23 -13.62
C ARG A 18 6.99 -15.99 -12.39
N ARG A 19 5.86 -16.69 -12.31
CA ARG A 19 4.94 -16.51 -11.18
C ARG A 19 5.54 -16.99 -9.85
N ALA A 20 6.20 -18.15 -9.87
CA ALA A 20 6.86 -18.64 -8.69
C ALA A 20 7.92 -17.66 -8.22
N GLN A 21 8.65 -17.06 -9.18
CA GLN A 21 9.68 -16.05 -8.85
C GLN A 21 9.05 -14.87 -8.12
N TYR A 22 7.90 -14.43 -8.61
CA TYR A 22 7.15 -13.38 -7.97
C TYR A 22 6.71 -13.76 -6.52
N TYR A 23 6.05 -14.91 -6.36
CA TYR A 23 5.60 -15.30 -5.01
C TYR A 23 6.75 -15.53 -4.02
N LEU A 24 7.87 -16.04 -4.52
CA LEU A 24 9.11 -16.13 -3.73
C LEU A 24 9.61 -14.76 -3.28
N ALA A 25 9.66 -13.82 -4.24
CA ALA A 25 10.01 -12.44 -3.90
C ALA A 25 9.13 -11.89 -2.79
N ASP A 26 7.81 -12.06 -2.95
CA ASP A 26 6.83 -11.53 -1.99
C ASP A 26 7.05 -12.15 -0.60
N THR A 27 7.39 -13.43 -0.55
CA THR A 27 7.72 -14.11 0.71
CA THR A 27 7.69 -14.07 0.74
C THR A 27 8.92 -13.46 1.40
N TRP A 28 9.94 -13.11 0.62
CA TRP A 28 11.10 -12.44 1.20
C TRP A 28 10.78 -11.04 1.68
N VAL A 29 9.87 -10.33 1.03
CA VAL A 29 9.44 -9.01 1.51
C VAL A 29 8.85 -9.16 2.91
N SER A 30 8.01 -10.17 3.09
CA SER A 30 7.33 -10.39 4.37
CA SER A 30 7.33 -10.40 4.37
C SER A 30 8.32 -10.85 5.45
N SER A 31 9.31 -11.66 5.07
CA SER A 31 10.40 -12.06 5.98
C SER A 31 11.42 -10.97 6.27
N GLY A 32 11.36 -9.86 5.56
CA GLY A 32 12.25 -8.74 5.77
C GLY A 32 13.60 -8.86 5.10
N ASP A 33 13.77 -9.77 4.14
CA ASP A 33 14.99 -9.78 3.31
C ASP A 33 14.70 -9.13 1.96
N TYR A 34 14.88 -7.82 1.93
CA TYR A 34 14.53 -7.05 0.75
C TYR A 34 15.50 -7.24 -0.40
N GLN A 35 16.73 -7.69 -0.11
CA GLN A 35 17.70 -7.98 -1.14
C GLN A 35 17.34 -9.25 -1.93
N LYS A 36 16.94 -10.30 -1.21
CA LYS A 36 16.43 -11.50 -1.87
C LYS A 36 15.14 -11.24 -2.59
N ALA A 37 14.27 -10.43 -2.01
CA ALA A 37 13.01 -10.06 -2.66
C ALA A 37 13.31 -9.42 -4.01
N GLU A 38 14.20 -8.44 -3.98
CA GLU A 38 14.61 -7.73 -5.20
CA GLU A 38 14.59 -7.74 -5.21
C GLU A 38 15.15 -8.69 -6.27
N TYR A 39 16.05 -9.57 -5.87
CA TYR A 39 16.66 -10.53 -6.80
C TYR A 39 15.61 -11.33 -7.58
N TRP A 40 14.67 -11.94 -6.83
CA TRP A 40 13.63 -12.75 -7.45
C TRP A 40 12.63 -11.91 -8.26
N ALA A 41 12.27 -10.72 -7.75
CA ALA A 41 11.29 -9.91 -8.46
C ALA A 41 11.89 -9.41 -9.76
N GLN A 42 13.20 -9.15 -9.77
CA GLN A 42 13.90 -8.77 -11.01
C GLN A 42 13.85 -9.87 -12.04
N LYS A 43 14.07 -11.11 -11.61
CA LYS A 43 13.95 -12.27 -12.51
C LYS A 43 12.57 -12.36 -13.13
N ALA A 44 11.53 -12.19 -12.31
CA ALA A 44 10.16 -12.21 -12.82
C ALA A 44 9.85 -11.05 -13.75
N ALA A 45 10.28 -9.85 -13.35
CA ALA A 45 10.10 -8.65 -14.14
C ALA A 45 10.75 -8.75 -15.54
N ALA A 46 11.90 -9.40 -15.61
CA ALA A 46 12.58 -9.67 -16.90
C ALA A 46 11.66 -10.41 -17.85
N GLN A 47 10.76 -11.24 -17.32
CA GLN A 47 9.82 -12.02 -18.11
C GLN A 47 8.49 -11.32 -18.30
N GLY A 48 8.42 -10.06 -17.93
CA GLY A 48 7.26 -9.22 -18.17
C GLY A 48 6.20 -9.25 -17.09
N ASP A 49 6.55 -9.81 -15.92
CA ASP A 49 5.55 -9.89 -14.85
C ASP A 49 5.22 -8.54 -14.22
N GLY A 50 3.97 -8.13 -14.34
CA GLY A 50 3.51 -6.87 -13.78
C GLY A 50 3.51 -6.81 -12.26
N ASP A 51 3.12 -7.91 -11.60
CA ASP A 51 3.10 -7.90 -10.14
C ASP A 51 4.55 -7.76 -9.60
N ALA A 52 5.51 -8.40 -10.26
CA ALA A 52 6.93 -8.29 -9.90
C ALA A 52 7.43 -6.84 -10.10
N LEU A 53 7.03 -6.21 -11.20
CA LEU A 53 7.35 -4.79 -11.42
C LEU A 53 6.77 -3.92 -10.28
N ALA A 54 5.52 -4.19 -9.90
CA ALA A 54 4.90 -3.49 -8.77
C ALA A 54 5.64 -3.67 -7.48
N LEU A 55 6.10 -4.89 -7.21
CA LEU A 55 6.87 -5.19 -6.01
CA LEU A 55 6.86 -5.18 -6.01
C LEU A 55 8.18 -4.39 -6.02
N LEU A 56 8.86 -4.35 -7.16
CA LEU A 56 10.10 -3.58 -7.29
C LEU A 56 9.83 -2.11 -7.06
N ALA A 57 8.71 -1.62 -7.57
CA ALA A 57 8.32 -0.21 -7.30
C ALA A 57 8.14 0.06 -5.80
N GLN A 58 7.43 -0.85 -5.10
CA GLN A 58 7.19 -0.75 -3.66
C GLN A 58 8.50 -0.75 -2.89
N LEU A 59 9.47 -1.58 -3.30
CA LEU A 59 10.78 -1.61 -2.65
C LEU A 59 11.52 -0.29 -2.73
N LYS A 60 11.30 0.44 -3.82
CA LYS A 60 11.95 1.76 -4.00
C LYS A 60 11.36 2.87 -3.13
N ILE A 61 10.18 2.66 -2.53
CA ILE A 61 9.54 3.65 -1.63
C ILE A 61 9.25 3.11 -0.24
N ARG A 62 9.80 1.94 0.08
CA ARG A 62 9.60 1.27 1.35
CA ARG A 62 9.56 1.29 1.35
C ARG A 62 10.00 2.20 2.52
N ASN A 63 11.04 3.00 2.27
CA ASN A 63 11.40 4.08 3.18
C ASN A 63 11.19 5.46 2.51
N PRO A 64 10.07 6.17 2.84
CA PRO A 64 9.84 7.49 2.19
C PRO A 64 10.89 8.60 2.44
N GLN A 65 11.80 8.37 3.40
CA GLN A 65 12.97 9.23 3.65
C GLN A 65 14.18 8.88 2.75
N GLN A 66 14.30 7.61 2.34
CA GLN A 66 15.43 7.12 1.52
CA GLN A 66 15.41 7.12 1.51
C GLN A 66 14.88 6.35 0.31
N ALA A 67 14.07 7.06 -0.47
CA ALA A 67 13.30 6.46 -1.52
C ALA A 67 13.84 6.89 -2.85
N ASP A 68 13.48 6.16 -3.89
CA ASP A 68 13.66 6.63 -5.25
C ASP A 68 12.24 6.63 -5.82
N TYR A 69 11.50 7.66 -5.45
CA TYR A 69 10.12 7.83 -5.89
C TYR A 69 10.02 7.89 -7.42
N PRO A 70 10.93 8.61 -8.09
CA PRO A 70 10.87 8.63 -9.54
C PRO A 70 11.01 7.29 -10.26
N GLN A 71 11.91 6.44 -9.79
CA GLN A 71 12.06 5.13 -10.43
C GLN A 71 10.88 4.21 -10.05
N ALA A 72 10.41 4.33 -8.82
CA ALA A 72 9.15 3.66 -8.40
C ALA A 72 8.02 3.97 -9.37
N ARG A 73 7.90 5.23 -9.75
CA ARG A 73 6.90 5.61 -10.72
C ARG A 73 7.08 4.93 -12.07
N GLN A 74 8.32 4.86 -12.59
CA GLN A 74 8.53 4.24 -13.87
CA GLN A 74 8.59 4.22 -13.86
C GLN A 74 8.24 2.73 -13.80
N LEU A 75 8.62 2.09 -12.71
CA LEU A 75 8.37 0.64 -12.52
C LEU A 75 6.86 0.40 -12.43
N ALA A 76 6.18 1.23 -11.67
CA ALA A 76 4.74 1.08 -11.45
C ALA A 76 3.99 1.32 -12.78
N GLU A 77 4.41 2.29 -13.58
CA GLU A 77 3.79 2.46 -14.92
C GLU A 77 3.93 1.22 -15.78
N LYS A 78 5.12 0.61 -15.76
CA LYS A 78 5.36 -0.62 -16.50
C LYS A 78 4.46 -1.77 -15.97
N ALA A 79 4.32 -1.83 -14.66
CA ALA A 79 3.45 -2.81 -13.96
C ALA A 79 2.01 -2.69 -14.45
N VAL A 80 1.51 -1.46 -14.48
CA VAL A 80 0.15 -1.17 -14.90
C VAL A 80 -0.03 -1.59 -16.36
N GLU A 81 0.95 -1.22 -17.20
CA GLU A 81 0.90 -1.56 -18.63
C GLU A 81 0.96 -3.09 -18.87
N ALA A 82 1.63 -3.82 -17.96
CA ALA A 82 1.68 -5.28 -17.96
C ALA A 82 0.39 -5.94 -17.43
N GLY A 83 -0.56 -5.17 -16.93
CA GLY A 83 -1.86 -5.67 -16.49
C GLY A 83 -2.01 -5.94 -14.99
N SER A 84 -1.15 -5.36 -14.16
CA SER A 84 -1.18 -5.60 -12.72
C SER A 84 -2.00 -4.62 -11.93
N LYS A 85 -2.99 -5.15 -11.21
CA LYS A 85 -3.72 -4.34 -10.24
C LYS A 85 -2.86 -3.85 -9.08
N SER A 86 -1.97 -4.70 -8.58
N SER A 86 -1.97 -4.70 -8.58
N SER A 86 -1.97 -4.69 -8.57
CA SER A 86 -0.98 -4.30 -7.58
CA SER A 86 -0.98 -4.30 -7.59
CA SER A 86 -1.02 -4.24 -7.54
C SER A 86 -0.18 -3.10 -8.11
C SER A 86 -0.19 -3.09 -8.12
C SER A 86 -0.14 -3.11 -8.10
N GLY A 87 0.16 -3.15 -9.41
CA GLY A 87 0.80 -2.02 -10.08
C GLY A 87 0.01 -0.72 -10.01
N GLU A 88 -1.31 -0.83 -10.19
CA GLU A 88 -2.19 0.34 -10.11
C GLU A 88 -2.17 0.95 -8.72
N ILE A 89 -2.12 0.09 -7.71
CA ILE A 89 -2.11 0.55 -6.32
C ILE A 89 -0.81 1.28 -6.01
N VAL A 90 0.35 0.71 -6.41
CA VAL A 90 1.66 1.36 -6.17
CA VAL A 90 1.62 1.39 -6.11
C VAL A 90 1.78 2.64 -6.97
N LEU A 91 1.31 2.62 -8.23
CA LEU A 91 1.33 3.84 -9.02
C LEU A 91 0.52 4.97 -8.34
N ALA A 92 -0.65 4.62 -7.83
CA ALA A 92 -1.46 5.59 -7.10
C ALA A 92 -0.72 6.13 -5.88
N ARG A 93 0.00 5.26 -5.17
CA ARG A 93 0.74 5.66 -3.96
C ARG A 93 1.87 6.64 -4.31
N VAL A 94 2.44 6.52 -5.51
CA VAL A 94 3.48 7.42 -6.07
CA VAL A 94 3.47 7.48 -5.89
C VAL A 94 2.89 8.74 -6.54
N LEU A 95 1.75 8.65 -7.24
CA LEU A 95 1.12 9.84 -7.83
C LEU A 95 0.55 10.82 -6.80
N VAL A 96 0.33 10.37 -5.57
CA VAL A 96 -0.04 11.28 -4.47
C VAL A 96 1.14 11.89 -3.75
N ASN A 97 2.36 11.56 -4.18
CA ASN A 97 3.54 11.95 -3.43
C ASN A 97 4.35 12.97 -4.22
N ARG A 98 4.56 14.11 -3.61
CA ARG A 98 5.33 15.19 -4.27
CA ARG A 98 5.33 15.20 -4.25
C ARG A 98 6.76 14.76 -4.67
N GLN A 99 7.33 13.78 -3.98
CA GLN A 99 8.68 13.30 -4.32
C GLN A 99 8.78 12.54 -5.65
N ALA A 100 7.66 12.11 -6.21
CA ALA A 100 7.70 11.19 -7.33
C ALA A 100 7.65 11.86 -8.67
N GLY A 101 7.48 13.18 -8.65
CA GLY A 101 7.08 13.94 -9.79
C GLY A 101 5.83 14.76 -9.44
N ALA A 102 5.34 15.54 -10.41
CA ALA A 102 4.09 16.30 -10.29
C ALA A 102 2.95 15.36 -9.84
N THR A 103 2.20 15.78 -8.85
CA THR A 103 1.17 14.85 -8.29
C THR A 103 -0.08 14.81 -9.17
N ASP A 104 -0.78 13.70 -9.13
CA ASP A 104 -2.03 13.55 -9.90
C ASP A 104 -2.99 12.67 -9.09
N VAL A 105 -3.61 13.30 -8.09
CA VAL A 105 -4.46 12.59 -7.15
C VAL A 105 -5.69 12.05 -7.88
N ALA A 106 -6.22 12.83 -8.83
CA ALA A 106 -7.38 12.31 -9.58
C ALA A 106 -7.09 11.04 -10.31
N HIS A 107 -5.91 10.95 -10.92
CA HIS A 107 -5.52 9.77 -11.60
C HIS A 107 -5.34 8.60 -10.62
N ALA A 108 -4.69 8.87 -9.50
CA ALA A 108 -4.55 7.88 -8.43
C ALA A 108 -5.91 7.27 -8.07
N ILE A 109 -6.93 8.10 -7.94
CA ILE A 109 -8.26 7.65 -7.55
C ILE A 109 -8.84 6.68 -8.59
N THR A 110 -8.70 6.98 -9.87
CA THR A 110 -9.16 6.06 -10.92
C THR A 110 -8.40 4.75 -10.96
N LEU A 111 -7.10 4.83 -10.78
CA LEU A 111 -6.27 3.63 -10.74
C LEU A 111 -6.75 2.72 -9.58
N LEU A 112 -7.00 3.33 -8.43
CA LEU A 112 -7.43 2.55 -7.25
C LEU A 112 -8.83 1.98 -7.43
N GLN A 113 -9.74 2.74 -8.02
CA GLN A 113 -11.10 2.27 -8.32
C GLN A 113 -11.04 1.08 -9.28
N ASP A 114 -10.11 1.10 -10.24
CA ASP A 114 -9.93 -0.11 -11.07
C ASP A 114 -9.43 -1.31 -10.28
N ALA A 115 -8.38 -1.11 -9.47
CA ALA A 115 -7.87 -2.17 -8.66
C ALA A 115 -8.87 -2.73 -7.69
N ALA A 116 -9.86 -1.92 -7.25
CA ALA A 116 -10.89 -2.34 -6.33
C ALA A 116 -12.16 -2.89 -7.01
N ARG A 117 -12.19 -2.94 -8.34
CA ARG A 117 -13.44 -3.22 -9.05
C ARG A 117 -14.03 -4.60 -8.73
N ASP A 118 -13.18 -5.64 -8.60
CA ASP A 118 -13.61 -6.89 -7.92
C ASP A 118 -13.50 -6.71 -6.41
N SER A 119 -14.63 -6.37 -5.79
CA SER A 119 -14.66 -5.96 -4.39
C SER A 119 -14.42 -7.10 -3.39
N GLU A 120 -14.34 -8.35 -3.87
CA GLU A 120 -14.11 -9.52 -3.02
C GLU A 120 -12.65 -9.99 -3.05
N SER A 121 -11.83 -9.30 -3.85
CA SER A 121 -10.44 -9.72 -4.13
C SER A 121 -9.36 -9.09 -3.26
N ASP A 122 -8.18 -9.68 -3.33
CA ASP A 122 -7.05 -9.24 -2.52
C ASP A 122 -6.68 -7.80 -2.90
N ALA A 123 -6.69 -7.49 -4.20
CA ALA A 123 -6.29 -6.12 -4.67
C ALA A 123 -7.17 -5.06 -4.06
N ALA A 124 -8.44 -5.43 -3.83
CA ALA A 124 -9.41 -4.50 -3.27
C ALA A 124 -9.09 -4.08 -1.86
N VAL A 125 -8.36 -4.90 -1.11
CA VAL A 125 -7.97 -4.58 0.26
C VAL A 125 -7.09 -3.32 0.29
N ASP A 126 -5.94 -3.37 -0.39
CA ASP A 126 -5.03 -2.23 -0.40
C ASP A 126 -5.59 -1.07 -1.19
N ALA A 127 -6.34 -1.34 -2.25
CA ALA A 127 -6.89 -0.25 -3.06
C ALA A 127 -7.86 0.61 -2.24
N GLN A 128 -8.74 -0.05 -1.50
CA GLN A 128 -9.74 0.66 -0.70
C GLN A 128 -9.10 1.36 0.48
N MSE A 129 -8.02 0.79 1.03
CA MSE A 129 -7.28 1.47 2.12
CA MSE A 129 -7.30 1.46 2.12
C MSE A 129 -6.70 2.78 1.62
O MSE A 129 -6.85 3.82 2.27
CB MSE A 129 -6.12 0.61 2.67
CB MSE A 129 -6.20 0.56 2.70
CG MSE A 129 -6.60 -0.62 3.32
CG MSE A 129 -6.35 0.37 4.15
SE MSE A 129 -5.10 -1.79 3.70
SE MSE A 129 -4.90 -0.75 4.66
CE MSE A 129 -4.65 -0.63 5.15
CE MSE A 129 -5.60 -2.28 3.68
N LEU A 130 -6.05 2.76 0.45
CA LEU A 130 -5.49 4.02 -0.06
C LEU A 130 -6.54 5.03 -0.48
N LEU A 131 -7.63 4.56 -1.11
CA LEU A 131 -8.76 5.44 -1.42
C LEU A 131 -9.27 6.12 -0.14
N GLY A 132 -9.48 5.37 0.93
CA GLY A 132 -9.90 5.99 2.18
C GLY A 132 -8.92 7.01 2.71
N LEU A 133 -7.63 6.70 2.65
CA LEU A 133 -6.60 7.64 3.14
C LEU A 133 -6.61 8.92 2.31
N ILE A 134 -6.76 8.79 1.01
CA ILE A 134 -6.84 9.96 0.14
C ILE A 134 -7.98 10.87 0.55
N TYR A 135 -9.18 10.31 0.73
CA TYR A 135 -10.34 11.10 1.15
C TYR A 135 -10.20 11.67 2.56
N ALA A 136 -9.52 10.94 3.44
CA ALA A 136 -9.28 11.42 4.83
C ALA A 136 -8.22 12.52 4.93
N SER A 137 -7.33 12.58 3.94
CA SER A 137 -6.10 13.35 4.05
C SER A 137 -6.33 14.82 3.79
N GLY A 138 -7.32 15.15 2.97
CA GLY A 138 -7.48 16.54 2.52
C GLY A 138 -6.49 16.98 1.45
N VAL A 139 -5.72 16.06 0.85
CA VAL A 139 -4.87 16.40 -0.32
C VAL A 139 -5.69 16.51 -1.64
N HIS A 140 -6.95 16.09 -1.62
CA HIS A 140 -7.83 16.11 -2.79
C HIS A 140 -9.11 16.89 -2.43
N GLY A 141 -8.97 18.19 -2.24
CA GLY A 141 -10.10 18.97 -1.74
C GLY A 141 -10.36 18.72 -0.28
N PRO A 142 -11.50 19.23 0.24
CA PRO A 142 -11.70 19.13 1.68
C PRO A 142 -11.80 17.66 2.09
N GLU A 143 -11.35 17.35 3.31
CA GLU A 143 -11.51 16.01 3.88
C GLU A 143 -12.95 15.54 3.74
N ASP A 144 -13.14 14.25 3.40
CA ASP A 144 -14.46 13.65 3.38
C ASP A 144 -14.34 12.38 4.21
N ASP A 145 -14.46 12.58 5.52
CA ASP A 145 -14.25 11.49 6.47
C ASP A 145 -15.35 10.43 6.37
N VAL A 146 -16.56 10.83 6.04
CA VAL A 146 -17.62 9.84 5.82
C VAL A 146 -17.34 8.93 4.63
N LYS A 147 -16.93 9.52 3.50
CA LYS A 147 -16.54 8.70 2.36
C LYS A 147 -15.33 7.83 2.70
N ALA A 148 -14.34 8.40 3.36
CA ALA A 148 -13.15 7.65 3.77
C ALA A 148 -13.56 6.42 4.60
N SER A 149 -14.49 6.63 5.52
CA SER A 149 -14.95 5.52 6.38
CA SER A 149 -14.97 5.54 6.39
C SER A 149 -15.55 4.38 5.60
N GLU A 150 -16.28 4.71 4.52
CA GLU A 150 -16.88 3.69 3.66
CA GLU A 150 -16.88 3.70 3.63
C GLU A 150 -15.80 2.83 3.01
N TYR A 151 -14.75 3.49 2.50
CA TYR A 151 -13.65 2.75 1.89
C TYR A 151 -12.90 1.89 2.89
N PHE A 152 -12.66 2.42 4.09
CA PHE A 152 -11.96 1.65 5.10
C PHE A 152 -12.82 0.47 5.53
N LYS A 153 -14.11 0.66 5.66
CA LYS A 153 -14.99 -0.48 5.98
C LYS A 153 -14.95 -1.59 4.95
N GLY A 154 -14.92 -1.22 3.67
CA GLY A 154 -14.80 -2.18 2.58
C GLY A 154 -13.49 -2.94 2.68
N SER A 155 -12.37 -2.24 2.90
CA SER A 155 -11.07 -2.87 3.06
C SER A 155 -11.01 -3.82 4.26
N SER A 156 -11.50 -3.34 5.41
CA SER A 156 -11.57 -4.14 6.64
C SER A 156 -12.49 -5.35 6.53
N SER A 157 -13.54 -5.24 5.73
CA SER A 157 -14.50 -6.34 5.61
C SER A 157 -13.89 -7.54 4.88
N LEU A 158 -12.90 -7.26 4.04
CA LEU A 158 -12.10 -8.28 3.31
C LEU A 158 -10.89 -8.74 4.07
N SER A 159 -10.62 -8.16 5.24
CA SER A 159 -9.39 -8.42 5.99
C SER A 159 -9.71 -8.65 7.47
N ARG A 160 -9.59 -7.63 8.33
CA ARG A 160 -10.06 -7.68 9.72
CA ARG A 160 -10.08 -7.69 9.70
C ARG A 160 -10.85 -6.42 10.03
N THR A 161 -11.98 -6.56 10.69
CA THR A 161 -12.81 -5.39 10.99
C THR A 161 -12.05 -4.36 11.81
N GLY A 162 -12.08 -3.09 11.38
CA GLY A 162 -11.36 -2.05 12.10
C GLY A 162 -9.88 -1.90 11.74
N TYR A 163 -9.35 -2.83 10.94
CA TYR A 163 -7.92 -2.80 10.61
C TYR A 163 -7.53 -1.62 9.71
N ALA A 164 -8.27 -1.46 8.61
CA ALA A 164 -7.97 -0.37 7.66
C ALA A 164 -7.96 0.99 8.36
N GLU A 165 -8.92 1.16 9.28
CA GLU A 165 -9.03 2.36 10.07
C GLU A 165 -7.85 2.57 11.00
N TYR A 166 -7.40 1.48 11.63
CA TYR A 166 -6.19 1.50 12.44
C TYR A 166 -4.95 1.90 11.60
N TRP A 167 -4.78 1.26 10.46
CA TRP A 167 -3.68 1.62 9.54
C TRP A 167 -3.69 3.09 9.19
N ALA A 168 -4.88 3.64 8.89
CA ALA A 168 -5.03 5.05 8.59
C ALA A 168 -4.63 5.92 9.77
N GLY A 169 -5.09 5.52 10.95
CA GLY A 169 -4.70 6.24 12.17
C GLY A 169 -3.20 6.32 12.36
N MSE A 170 -2.55 5.20 12.16
CA MSE A 170 -1.08 5.13 12.27
CA MSE A 170 -1.08 5.13 12.27
C MSE A 170 -0.37 5.92 11.16
O MSE A 170 0.72 6.50 11.39
CB MSE A 170 -0.63 3.66 12.31
CB MSE A 170 -0.62 3.67 12.27
CG MSE A 170 -1.16 2.89 13.56
CG MSE A 170 -1.21 2.84 13.43
SE MSE A 170 -0.91 3.84 15.24
SE MSE A 170 -0.76 3.41 15.21
CE MSE A 170 1.00 3.54 15.37
CE MSE A 170 -1.03 5.31 15.24
N MSE A 171 -0.94 5.97 9.96
CA MSE A 171 -0.40 6.78 8.87
CA MSE A 171 -0.40 6.77 8.87
C MSE A 171 -0.44 8.25 9.26
O MSE A 171 0.53 8.99 9.05
CB MSE A 171 -1.17 6.56 7.56
CB MSE A 171 -1.16 6.55 7.56
CG MSE A 171 -0.92 5.27 6.90
CG MSE A 171 -0.94 5.22 6.89
SE MSE A 171 0.83 5.28 6.03
SE MSE A 171 0.78 5.20 5.99
CE MSE A 171 0.40 6.48 4.58
CE MSE A 171 1.08 7.04 6.11
N PHE A 172 -1.55 8.69 9.84
CA PHE A 172 -1.63 10.06 10.33
C PHE A 172 -0.71 10.35 11.49
N GLN A 173 -0.49 9.37 12.36
CA GLN A 173 0.40 9.55 13.52
CA GLN A 173 0.39 9.58 13.52
C GLN A 173 1.83 9.74 13.04
N GLN A 174 2.27 8.86 12.15
CA GLN A 174 3.67 8.78 11.65
CA GLN A 174 3.67 8.84 11.71
C GLN A 174 3.95 9.72 10.49
N GLY A 175 2.94 9.95 9.67
CA GLY A 175 3.11 10.71 8.42
C GLY A 175 3.76 9.87 7.35
N GLU A 176 3.72 10.37 6.13
CA GLU A 176 4.45 9.75 5.01
C GLU A 176 4.99 10.88 4.15
N LYS A 177 6.31 11.05 4.18
CA LYS A 177 6.92 12.25 3.64
C LYS A 177 6.52 12.38 2.17
N GLY A 178 6.07 13.59 1.81
CA GLY A 178 5.63 13.89 0.45
C GLY A 178 4.15 13.69 0.20
N PHE A 179 3.45 13.08 1.17
CA PHE A 179 2.02 12.76 1.05
C PHE A 179 1.20 13.19 2.27
N ILE A 180 1.45 12.58 3.43
CA ILE A 180 0.69 12.86 4.67
C ILE A 180 1.61 13.56 5.70
N GLU A 181 1.26 14.77 6.12
CA GLU A 181 1.90 15.41 7.29
C GLU A 181 1.37 14.71 8.55
N PRO A 182 2.24 14.45 9.55
CA PRO A 182 1.73 13.91 10.81
C PRO A 182 0.65 14.83 11.38
N ASN A 183 -0.44 14.23 11.88
CA ASN A 183 -1.61 14.96 12.35
C ASN A 183 -2.22 14.15 13.51
N LYS A 184 -2.02 14.63 14.74
CA LYS A 184 -2.49 13.90 15.92
C LYS A 184 -4.01 13.77 15.99
N GLN A 185 -4.70 14.82 15.56
CA GLN A 185 -6.17 14.91 15.58
CA GLN A 185 -6.15 14.85 15.66
C GLN A 185 -6.78 13.85 14.67
N LYS A 186 -6.22 13.78 13.46
CA LYS A 186 -6.66 12.74 12.49
C LYS A 186 -6.28 11.34 12.97
N ALA A 187 -5.10 11.18 13.55
CA ALA A 187 -4.67 9.90 14.09
C ALA A 187 -5.71 9.41 15.12
N LEU A 188 -6.07 10.28 16.05
CA LEU A 188 -7.05 9.94 17.11
C LEU A 188 -8.44 9.67 16.54
N HIS A 189 -8.86 10.44 15.54
CA HIS A 189 -10.16 10.21 14.90
C HIS A 189 -10.22 8.77 14.40
N TRP A 190 -9.22 8.35 13.62
CA TRP A 190 -9.27 7.04 12.95
C TRP A 190 -9.00 5.88 13.90
N LEU A 191 -8.15 6.08 14.91
CA LEU A 191 -7.96 5.06 15.93
C LEU A 191 -9.25 4.86 16.76
N ASN A 192 -9.96 5.96 17.03
CA ASN A 192 -11.29 5.87 17.66
C ASN A 192 -12.24 5.03 16.82
N VAL A 193 -12.31 5.31 15.51
CA VAL A 193 -13.15 4.51 14.63
C VAL A 193 -12.75 3.05 14.69
N SER A 194 -11.44 2.79 14.61
CA SER A 194 -10.92 1.43 14.66
C SER A 194 -11.39 0.72 15.94
N CYS A 195 -11.21 1.37 17.07
CA CYS A 195 -11.65 0.84 18.34
C CYS A 195 -13.15 0.48 18.34
N LEU A 196 -13.95 1.42 17.88
CA LEU A 196 -15.42 1.24 17.88
C LEU A 196 -15.92 0.20 16.86
N GLU A 197 -15.12 -0.08 15.84
CA GLU A 197 -15.37 -1.18 14.93
C GLU A 197 -15.02 -2.53 15.53
N GLY A 198 -14.23 -2.53 16.59
CA GLY A 198 -13.88 -3.73 17.37
C GLY A 198 -12.44 -4.20 17.24
N PHE A 199 -11.54 -3.32 16.79
CA PHE A 199 -10.10 -3.63 16.69
C PHE A 199 -9.38 -3.12 17.94
N ASP A 200 -9.07 -4.04 18.86
CA ASP A 200 -8.57 -3.65 20.17
C ASP A 200 -7.25 -2.87 20.15
N THR A 201 -6.37 -3.17 19.20
CA THR A 201 -5.13 -2.40 19.03
C THR A 201 -5.42 -0.93 18.77
N GLY A 202 -6.54 -0.66 18.08
CA GLY A 202 -6.99 0.70 17.90
C GLY A 202 -7.28 1.41 19.20
N CYS A 203 -8.02 0.74 20.07
CA CYS A 203 -8.35 1.27 21.39
C CYS A 203 -7.06 1.56 22.18
N GLU A 204 -6.10 0.63 22.13
CA GLU A 204 -4.85 0.77 22.90
C GLU A 204 -4.03 1.99 22.44
N GLU A 205 -3.84 2.13 21.13
CA GLU A 205 -3.13 3.30 20.57
C GLU A 205 -3.86 4.60 20.76
N PHE A 206 -5.20 4.58 20.67
CA PHE A 206 -6.00 5.76 20.98
C PHE A 206 -5.67 6.22 22.41
N ASP A 207 -5.77 5.28 23.36
CA ASP A 207 -5.47 5.57 24.78
C ASP A 207 -4.06 6.09 24.95
N ARG A 208 -3.10 5.43 24.30
CA ARG A 208 -1.69 5.80 24.42
C ARG A 208 -1.48 7.25 23.94
N ILE A 209 -1.90 7.55 22.71
CA ILE A 209 -1.71 8.87 22.10
C ILE A 209 -2.49 9.96 22.85
N SER A 210 -3.65 9.60 23.41
CA SER A 210 -4.40 10.51 24.27
C SER A 210 -3.66 10.86 25.58
N LYS A 211 -3.05 9.86 26.23
CA LYS A 211 -2.35 10.03 27.53
C LYS A 211 -0.84 10.16 27.34
C1 EDO B . 0.42 -9.76 -14.16
O1 EDO B . 1.36 -9.77 -13.07
C2 EDO B . 1.07 -10.37 -15.39
O2 EDO B . 2.02 -9.46 -15.93
C1 EDO C . 3.55 16.93 3.15
O1 EDO C . 3.66 16.77 1.74
C2 EDO C . 4.27 15.80 3.89
O2 EDO C . 5.65 15.74 3.54
C1 EDO D . 6.22 -27.35 -0.76
O1 EDO D . 5.27 -26.69 0.13
C2 EDO D . 5.39 -28.13 -1.75
O2 EDO D . 6.16 -28.81 -2.76
C1 EDO E . -0.27 4.74 -16.39
C1 EDO E . -0.25 4.91 -16.51
O1 EDO E . 0.46 5.98 -16.33
O1 EDO E . -1.59 4.42 -16.49
C2 EDO E . 0.66 3.66 -16.92
C2 EDO E . 0.69 3.82 -17.01
O2 EDO E . 0.97 3.92 -18.29
O2 EDO E . 0.94 4.01 -18.41
C1 EDO F . 12.46 0.18 -15.91
O1 EDO F . 12.86 1.51 -15.52
C2 EDO F . 11.37 0.27 -16.97
O2 EDO F . 11.27 -0.99 -17.65
C1 EDO G . 19.37 -15.28 -3.80
O1 EDO G . 18.93 -15.76 -2.52
C2 EDO G . 20.46 -16.19 -4.35
O2 EDO G . 19.83 -17.23 -5.11
C1 EDO H . -0.79 -10.59 -5.75
C1 EDO H . -0.70 -10.48 -5.78
O1 EDO H . -0.55 -9.30 -6.35
O1 EDO H . 0.29 -11.04 -4.90
C2 EDO H . -1.50 -11.53 -6.72
C2 EDO H . -1.34 -11.50 -6.73
O2 EDO H . -1.48 -12.88 -6.23
O2 EDO H . -1.43 -12.82 -6.15
#